data_2YK3
#
_entry.id   2YK3
#
_cell.length_a   85.930
_cell.length_b   110.880
_cell.length_c   60.930
_cell.angle_alpha   90.00
_cell.angle_beta   131.20
_cell.angle_gamma   90.00
#
_symmetry.space_group_name_H-M   'C 1 2 1'
#
loop_
_entity.id
_entity.type
_entity.pdbx_description
1 polymer 'CYTOCHROME C'
2 non-polymer 'HEME C'
3 non-polymer 'SULFATE ION'
4 water water
#
_entity_poly.entity_id   1
_entity_poly.type   'polypeptide(L)'
_entity_poly.pdbx_seq_one_letter_code
;MPPKARAPLPPGDAARGEKLFKGRAAQCHTANQGGANGVGPNLYGLVGRHSGTIEGYAYSKANAESGVVWTPDVLDVYLE
NP(M3L)KFMPGTKMSFAGMKKPQERADVIAYLETLKG
;
_entity_poly.pdbx_strand_id   A,B,C
#
loop_
_chem_comp.id
_chem_comp.type
_chem_comp.name
_chem_comp.formula
HEC non-polymer 'HEME C' 'C34 H34 Fe N4 O4'
SO4 non-polymer 'SULFATE ION' 'O4 S -2'
#
# COMPACT_ATOMS: atom_id res chain seq x y z
N ALA A 5 -23.54 11.67 23.97
CA ALA A 5 -23.85 10.36 23.34
C ALA A 5 -24.00 10.43 21.81
N ARG A 6 -24.07 9.27 21.17
CA ARG A 6 -24.10 9.19 19.70
C ARG A 6 -25.50 9.14 19.09
N ALA A 7 -25.75 9.99 18.09
CA ALA A 7 -27.03 9.91 17.35
C ALA A 7 -27.10 8.62 16.56
N PRO A 8 -28.22 7.90 16.69
CA PRO A 8 -28.38 6.72 15.84
C PRO A 8 -28.32 7.01 14.34
N LEU A 9 -27.86 6.02 13.59
CA LEU A 9 -27.83 6.07 12.15
C LEU A 9 -29.19 5.73 11.58
N PRO A 10 -29.47 6.20 10.35
CA PRO A 10 -30.66 5.69 9.66
C PRO A 10 -30.41 4.25 9.21
N PRO A 11 -31.47 3.53 8.81
CA PRO A 11 -31.28 2.18 8.29
C PRO A 11 -30.42 2.20 7.04
N GLY A 12 -29.47 1.27 6.95
CA GLY A 12 -28.58 1.19 5.82
C GLY A 12 -29.13 0.36 4.67
N ASP A 13 -28.74 0.73 3.46
CA ASP A 13 -29.07 -0.03 2.28
C ASP A 13 -27.78 -0.67 1.77
N ALA A 14 -27.73 -2.00 1.73
CA ALA A 14 -26.51 -2.71 1.39
C ALA A 14 -26.05 -2.53 -0.03
N ALA A 15 -26.99 -2.42 -0.98
CA ALA A 15 -26.64 -2.23 -2.37
C ALA A 15 -25.98 -0.87 -2.59
N ARG A 16 -26.52 0.19 -1.97
CA ARG A 16 -25.86 1.49 -2.00
C ARG A 16 -24.53 1.36 -1.27
N GLY A 17 -24.52 0.62 -0.16
CA GLY A 17 -23.28 0.38 0.60
C GLY A 17 -22.16 -0.20 -0.25
N GLU A 18 -22.51 -1.14 -1.14
CA GLU A 18 -21.52 -1.80 -2.00
C GLU A 18 -20.95 -0.80 -3.00
N LYS A 19 -21.85 0.02 -3.57
CA LYS A 19 -21.44 1.07 -4.50
C LYS A 19 -20.46 2.03 -3.81
N LEU A 20 -20.80 2.46 -2.60
CA LEU A 20 -19.94 3.33 -1.82
C LEU A 20 -18.60 2.64 -1.48
N PHE A 21 -18.67 1.35 -1.16
CA PHE A 21 -17.44 0.60 -0.85
C PHE A 21 -16.50 0.54 -2.06
N LYS A 22 -17.08 0.31 -3.24
CA LYS A 22 -16.24 0.18 -4.40
C LYS A 22 -15.62 1.51 -4.84
N GLY A 23 -16.31 2.60 -4.53
CA GLY A 23 -15.81 3.93 -4.83
C GLY A 23 -14.80 4.44 -3.80
N ARG A 24 -14.98 4.02 -2.55
CA ARG A 24 -14.22 4.60 -1.40
C ARG A 24 -13.30 3.65 -0.60
N ALA A 25 -13.38 2.34 -0.79
CA ALA A 25 -12.55 1.40 0.01
C ALA A 25 -11.82 0.37 -0.83
N ALA A 26 -12.41 0.01 -1.96
CA ALA A 26 -12.02 -1.19 -2.68
C ALA A 26 -10.56 -1.22 -3.12
N GLN A 27 -9.97 -0.04 -3.27
CA GLN A 27 -8.58 0.04 -3.68
C GLN A 27 -7.59 -0.27 -2.56
N CYS A 28 -8.07 -0.27 -1.30
CA CYS A 28 -7.22 -0.71 -0.23
C CYS A 28 -7.71 -2.01 0.39
N HIS A 29 -8.98 -2.37 0.15
CA HIS A 29 -9.61 -3.49 0.87
C HIS A 29 -10.35 -4.44 -0.05
N THR A 30 -10.04 -5.72 0.07
CA THR A 30 -10.85 -6.78 -0.55
C THR A 30 -12.00 -7.14 0.40
N ALA A 31 -13.07 -7.70 -0.17
CA ALA A 31 -14.28 -7.96 0.61
C ALA A 31 -14.78 -9.42 0.48
N ASN A 32 -14.12 -10.22 -0.35
CA ASN A 32 -14.54 -11.62 -0.56
C ASN A 32 -13.93 -12.58 0.46
N GLN A 33 -14.63 -13.69 0.72
CA GLN A 33 -14.12 -14.73 1.59
C GLN A 33 -12.80 -15.23 1.03
N GLY A 34 -11.78 -15.23 1.90
CA GLY A 34 -10.43 -15.62 1.51
C GLY A 34 -9.73 -14.68 0.53
N GLY A 35 -10.21 -13.44 0.45
CA GLY A 35 -9.60 -12.41 -0.41
C GLY A 35 -8.29 -11.99 0.22
N ALA A 36 -7.44 -11.34 -0.56
CA ALA A 36 -6.09 -11.05 -0.03
C ALA A 36 -6.00 -9.76 0.75
N ASN A 37 -4.99 -9.69 1.60
CA ASN A 37 -4.52 -8.41 2.10
C ASN A 37 -3.83 -7.59 1.02
N GLY A 38 -3.91 -6.26 1.13
CA GLY A 38 -3.24 -5.34 0.25
C GLY A 38 -2.80 -4.15 1.10
N VAL A 39 -3.20 -2.95 0.66
CA VAL A 39 -2.91 -1.74 1.42
C VAL A 39 -3.47 -1.95 2.81
N GLY A 40 -4.76 -2.31 2.85
CA GLY A 40 -5.47 -2.69 4.07
C GLY A 40 -5.89 -4.15 4.10
N PRO A 41 -6.43 -4.61 5.24
CA PRO A 41 -6.77 -6.04 5.36
C PRO A 41 -8.03 -6.46 4.56
N ASN A 42 -8.13 -7.72 4.23
CA ASN A 42 -9.40 -8.27 3.75
C ASN A 42 -10.48 -8.07 4.81
N LEU A 43 -11.69 -7.70 4.39
CA LEU A 43 -12.74 -7.34 5.31
C LEU A 43 -13.90 -8.35 5.39
N TYR A 44 -13.77 -9.50 4.76
CA TYR A 44 -14.83 -10.50 4.94
C TYR A 44 -14.96 -10.86 6.41
N GLY A 45 -16.21 -10.88 6.88
CA GLY A 45 -16.50 -11.24 8.26
C GLY A 45 -15.97 -10.22 9.25
N LEU A 46 -15.81 -8.98 8.83
CA LEU A 46 -15.33 -7.91 9.70
C LEU A 46 -16.23 -7.60 10.90
N VAL A 47 -17.53 -7.50 10.64
CA VAL A 47 -18.46 -7.02 11.65
C VAL A 47 -18.48 -8.01 12.82
N GLY A 48 -18.30 -7.51 14.04
CA GLY A 48 -18.29 -8.32 15.25
C GLY A 48 -16.90 -8.81 15.66
N ARG A 49 -15.89 -8.52 14.84
CA ARG A 49 -14.54 -9.01 15.11
C ARG A 49 -13.82 -8.11 16.14
N HIS A 50 -12.92 -8.72 16.90
CA HIS A 50 -11.99 -7.96 17.73
C HIS A 50 -11.06 -7.20 16.78
N SER A 51 -10.87 -5.92 17.04
CA SER A 51 -10.01 -5.08 16.16
C SER A 51 -8.55 -5.57 16.09
N GLY A 52 -7.90 -5.33 14.96
CA GLY A 52 -6.49 -5.62 14.83
C GLY A 52 -6.06 -7.07 14.82
N THR A 53 -6.92 -7.95 14.29
CA THR A 53 -6.62 -9.37 14.33
C THR A 53 -6.85 -10.12 13.01
N ILE A 54 -7.11 -9.42 11.90
CA ILE A 54 -7.35 -10.12 10.62
C ILE A 54 -6.12 -10.94 10.19
N GLU A 55 -6.37 -12.17 9.75
CA GLU A 55 -5.31 -13.12 9.38
C GLU A 55 -4.28 -12.45 8.47
N GLY A 56 -3.03 -12.43 8.91
CA GLY A 56 -1.95 -12.04 8.02
C GLY A 56 -1.63 -10.57 8.12
N TYR A 57 -2.56 -9.76 8.61
CA TYR A 57 -2.34 -8.32 8.46
C TYR A 57 -1.37 -7.70 9.48
N ALA A 58 -0.46 -6.87 8.98
CA ALA A 58 0.53 -6.17 9.83
C ALA A 58 0.02 -4.78 10.12
N TYR A 59 -0.51 -4.61 11.33
CA TYR A 59 -1.18 -3.37 11.72
C TYR A 59 -0.24 -2.28 12.26
N SER A 60 -0.73 -1.04 12.22
CA SER A 60 -0.09 0.00 13.09
C SER A 60 -0.13 -0.40 14.55
N LYS A 61 0.75 0.21 15.33
CA LYS A 61 0.68 0.01 16.78
C LYS A 61 -0.70 0.38 17.31
N ALA A 62 -1.23 1.53 16.87
CA ALA A 62 -2.56 1.97 17.28
C ALA A 62 -3.62 0.90 16.98
N ASN A 63 -3.65 0.40 15.74
CA ASN A 63 -4.71 -0.58 15.39
C ASN A 63 -4.47 -1.94 16.06
N ALA A 64 -3.22 -2.34 16.21
CA ALA A 64 -2.92 -3.61 16.90
C ALA A 64 -3.39 -3.56 18.36
N GLU A 65 -3.16 -2.41 19.01
CA GLU A 65 -3.43 -2.23 20.45
C GLU A 65 -4.87 -1.74 20.73
N SER A 66 -5.67 -1.46 19.69
CA SER A 66 -6.95 -0.72 19.81
C SER A 66 -8.04 -1.31 20.70
N GLY A 67 -8.10 -2.64 20.79
CA GLY A 67 -9.00 -3.33 21.72
C GLY A 67 -10.48 -2.99 21.68
N VAL A 68 -11.02 -2.75 20.48
CA VAL A 68 -12.47 -2.61 20.33
C VAL A 68 -13.02 -3.84 19.57
N VAL A 69 -14.34 -3.92 19.50
CA VAL A 69 -15.02 -4.94 18.71
C VAL A 69 -15.82 -4.15 17.68
N TRP A 70 -15.66 -4.52 16.42
CA TRP A 70 -16.35 -3.80 15.35
C TRP A 70 -17.82 -4.16 15.25
N THR A 71 -18.56 -3.76 16.26
CA THR A 71 -20.01 -3.76 16.19
C THR A 71 -20.46 -2.59 15.31
N PRO A 72 -21.69 -2.63 14.77
CA PRO A 72 -22.15 -1.48 14.01
C PRO A 72 -22.03 -0.10 14.68
N ASP A 73 -22.31 -0.01 15.99
CA ASP A 73 -22.28 1.30 16.63
C ASP A 73 -20.85 1.87 16.67
N VAL A 74 -19.87 0.99 16.87
CA VAL A 74 -18.44 1.36 16.86
C VAL A 74 -17.96 1.73 15.46
N LEU A 75 -18.45 0.98 14.47
CA LEU A 75 -18.09 1.28 13.10
C LEU A 75 -18.58 2.64 12.68
N ASP A 76 -19.76 3.02 13.15
CA ASP A 76 -20.33 4.35 12.92
C ASP A 76 -19.34 5.45 13.29
N VAL A 77 -18.91 5.47 14.55
CA VAL A 77 -18.00 6.50 15.02
C VAL A 77 -16.66 6.46 14.30
N TYR A 78 -16.09 5.27 14.16
CA TYR A 78 -14.83 5.08 13.45
C TYR A 78 -14.88 5.58 11.99
N LEU A 79 -15.85 5.10 11.21
CA LEU A 79 -15.92 5.49 9.82
C LEU A 79 -16.26 6.94 9.57
N GLU A 80 -16.85 7.62 10.56
CA GLU A 80 -17.04 9.06 10.41
C GLU A 80 -15.70 9.82 10.34
N ASN A 81 -14.74 9.40 11.18
CA ASN A 81 -13.45 10.03 11.21
C ASN A 81 -12.43 9.09 11.83
N PRO A 82 -11.76 8.27 11.01
CA PRO A 82 -10.83 7.27 11.55
C PRO A 82 -9.72 7.86 12.40
N M3L A 83 -9.16 8.99 11.96
CA M3L A 83 -8.03 9.59 12.67
CB M3L A 83 -7.55 10.79 11.86
CG M3L A 83 -6.39 11.54 12.46
CD M3L A 83 -6.16 12.76 11.60
CE M3L A 83 -4.96 12.58 10.69
NZ M3L A 83 -4.35 13.91 10.41
C M3L A 83 -8.45 10.05 14.05
O M3L A 83 -7.65 9.98 14.96
CM1 M3L A 83 -4.93 14.45 9.16
CM2 M3L A 83 -4.56 14.85 11.52
CM3 M3L A 83 -2.90 13.79 10.24
N LYS A 84 -9.68 10.57 14.20
CA LYS A 84 -10.17 10.98 15.52
C LYS A 84 -10.42 9.79 16.44
N PHE A 85 -11.05 8.75 15.89
CA PHE A 85 -11.31 7.52 16.61
C PHE A 85 -10.05 6.75 17.00
N MET A 86 -9.09 6.65 16.08
CA MET A 86 -7.92 5.79 16.26
C MET A 86 -6.68 6.60 15.88
N PRO A 87 -6.34 7.63 16.68
CA PRO A 87 -5.20 8.42 16.26
C PRO A 87 -3.97 7.52 16.17
N GLY A 88 -3.13 7.75 15.16
CA GLY A 88 -2.02 6.83 14.94
C GLY A 88 -2.31 5.72 13.96
N THR A 89 -3.55 5.58 13.49
CA THR A 89 -3.82 4.63 12.40
C THR A 89 -3.09 5.01 11.11
N LYS A 90 -2.79 4.00 10.30
CA LYS A 90 -2.20 4.21 8.97
C LYS A 90 -3.24 4.09 7.87
N MET A 91 -4.51 4.04 8.26
CA MET A 91 -5.61 4.02 7.24
C MET A 91 -5.85 5.41 6.69
N SER A 92 -5.54 5.59 5.41
CA SER A 92 -5.59 6.90 4.74
C SER A 92 -6.98 7.22 4.21
N PHE A 93 -7.93 7.30 5.14
CA PHE A 93 -9.34 7.58 4.79
C PHE A 93 -9.85 8.66 5.72
N ALA A 94 -10.36 9.73 5.14
CA ALA A 94 -10.80 10.90 5.93
C ALA A 94 -12.08 10.64 6.69
N GLY A 95 -12.95 9.83 6.11
CA GLY A 95 -14.19 9.44 6.75
C GLY A 95 -15.38 9.73 5.88
N MET A 96 -16.47 9.11 6.25
CA MET A 96 -17.73 9.47 5.60
C MET A 96 -18.59 10.21 6.55
N LYS A 97 -18.79 11.45 6.16
CA LYS A 97 -19.38 12.45 7.01
C LYS A 97 -20.91 12.42 6.95
N LYS A 98 -21.49 11.79 5.93
CA LYS A 98 -22.95 11.72 5.78
C LYS A 98 -23.49 10.45 6.44
N PRO A 99 -24.37 10.58 7.44
CA PRO A 99 -24.95 9.44 8.15
C PRO A 99 -25.52 8.35 7.25
N GLN A 100 -26.26 8.72 6.20
CA GLN A 100 -26.85 7.70 5.35
C GLN A 100 -25.79 6.89 4.62
N GLU A 101 -24.77 7.55 4.09
CA GLU A 101 -23.67 6.83 3.45
C GLU A 101 -22.91 5.89 4.42
N ARG A 102 -22.62 6.38 5.64
CA ARG A 102 -22.00 5.54 6.66
C ARG A 102 -22.89 4.33 6.97
N ALA A 103 -24.19 4.54 7.15
CA ALA A 103 -25.12 3.44 7.39
C ALA A 103 -25.13 2.43 6.25
N ASP A 104 -25.10 2.94 5.04
CA ASP A 104 -25.15 2.07 3.87
C ASP A 104 -23.88 1.18 3.82
N VAL A 105 -22.69 1.78 4.04
CA VAL A 105 -21.47 1.01 4.06
C VAL A 105 -21.49 -0.05 5.14
N ILE A 106 -21.99 0.30 6.34
CA ILE A 106 -22.09 -0.66 7.44
C ILE A 106 -23.02 -1.81 7.04
N ALA A 107 -24.15 -1.48 6.42
CA ALA A 107 -25.09 -2.49 5.99
C ALA A 107 -24.40 -3.44 5.00
N TYR A 108 -23.58 -2.88 4.12
CA TYR A 108 -22.81 -3.72 3.19
C TYR A 108 -21.84 -4.64 3.93
N LEU A 109 -21.10 -4.06 4.88
CA LEU A 109 -20.12 -4.86 5.63
C LEU A 109 -20.83 -6.01 6.34
N GLU A 110 -22.06 -5.77 6.78
CA GLU A 110 -22.81 -6.79 7.50
C GLU A 110 -23.13 -7.99 6.62
N THR A 111 -23.23 -7.76 5.32
CA THR A 111 -23.48 -8.88 4.37
C THR A 111 -22.29 -9.79 4.12
N LEU A 112 -21.10 -9.39 4.58
CA LEU A 112 -19.89 -10.15 4.29
C LEU A 112 -19.73 -11.31 5.28
N LYS A 113 -20.62 -12.29 5.18
CA LYS A 113 -20.61 -13.42 6.10
C LYS A 113 -21.28 -14.63 5.50
N GLY A 114 -21.00 -15.80 6.10
CA GLY A 114 -21.45 -17.08 5.56
C GLY A 114 -20.34 -18.12 5.58
N ALA B 5 23.60 25.35 -5.88
CA ALA B 5 22.48 25.87 -6.73
C ALA B 5 22.18 24.92 -7.86
N ARG B 6 20.89 24.70 -8.10
CA ARG B 6 20.46 23.82 -9.18
C ARG B 6 20.19 24.53 -10.47
N ALA B 7 20.32 23.76 -11.56
CA ALA B 7 19.88 24.21 -12.88
C ALA B 7 18.38 24.33 -12.85
N PRO B 8 17.82 25.32 -13.60
CA PRO B 8 16.37 25.26 -13.91
C PRO B 8 16.11 24.07 -14.82
N LEU B 9 14.88 23.58 -14.79
CA LEU B 9 14.51 22.50 -15.68
C LEU B 9 14.19 23.04 -17.06
N PRO B 10 14.35 22.19 -18.08
CA PRO B 10 13.83 22.55 -19.39
C PRO B 10 12.28 22.58 -19.35
N PRO B 11 11.66 23.22 -20.34
CA PRO B 11 10.20 23.23 -20.42
C PRO B 11 9.65 21.80 -20.45
N GLY B 12 8.63 21.53 -19.66
CA GLY B 12 8.03 20.21 -19.60
C GLY B 12 6.86 20.10 -20.56
N ASP B 13 6.64 18.87 -21.01
CA ASP B 13 5.58 18.50 -21.93
C ASP B 13 4.58 17.62 -21.15
N ALA B 14 3.36 18.11 -20.99
CA ALA B 14 2.41 17.40 -20.13
C ALA B 14 1.97 16.04 -20.67
N ALA B 15 1.86 15.90 -21.99
CA ALA B 15 1.53 14.61 -22.57
C ALA B 15 2.61 13.58 -22.30
N ARG B 16 3.88 13.95 -22.49
CA ARG B 16 4.98 13.06 -22.11
C ARG B 16 4.97 12.79 -20.61
N GLY B 17 4.64 13.80 -19.81
CA GLY B 17 4.57 13.63 -18.34
C GLY B 17 3.47 12.67 -17.91
N GLU B 18 2.33 12.69 -18.62
CA GLU B 18 1.26 11.74 -18.30
C GLU B 18 1.70 10.29 -18.53
N LYS B 19 2.44 10.09 -19.64
CA LYS B 19 2.96 8.79 -19.98
C LYS B 19 3.95 8.31 -18.89
N LEU B 20 4.83 9.21 -18.48
CA LEU B 20 5.80 8.88 -17.44
C LEU B 20 5.06 8.61 -16.11
N PHE B 21 4.02 9.41 -15.84
CA PHE B 21 3.20 9.28 -14.59
C PHE B 21 2.54 7.90 -14.53
N LYS B 22 1.93 7.49 -15.62
CA LYS B 22 1.28 6.18 -15.69
C LYS B 22 2.24 5.02 -15.51
N GLY B 23 3.48 5.22 -15.93
CA GLY B 23 4.48 4.18 -15.91
C GLY B 23 5.21 4.13 -14.58
N ARG B 24 5.31 5.28 -13.91
CA ARG B 24 6.15 5.43 -12.70
C ARG B 24 5.46 5.81 -11.39
N ALA B 25 4.23 6.32 -11.43
CA ALA B 25 3.54 6.79 -10.21
C ALA B 25 2.16 6.14 -10.00
N ALA B 26 1.50 5.77 -11.10
CA ALA B 26 0.07 5.48 -11.08
C ALA B 26 -0.35 4.29 -10.19
N GLN B 27 0.56 3.38 -9.98
CA GLN B 27 0.24 2.28 -9.06
C GLN B 27 0.16 2.65 -7.58
N CYS B 28 0.73 3.81 -7.22
CA CYS B 28 0.57 4.33 -5.89
C CYS B 28 -0.31 5.58 -5.79
N HIS B 29 -0.46 6.30 -6.90
CA HIS B 29 -1.10 7.61 -6.88
C HIS B 29 -2.19 7.68 -7.95
N THR B 30 -3.37 8.10 -7.51
CA THR B 30 -4.43 8.56 -8.42
C THR B 30 -4.21 10.03 -8.77
N ALA B 31 -4.78 10.49 -9.89
CA ALA B 31 -4.52 11.85 -10.38
C ALA B 31 -5.79 12.63 -10.68
N ASN B 32 -6.93 11.97 -10.53
CA ASN B 32 -8.20 12.58 -10.87
C ASN B 32 -8.83 13.33 -9.70
N GLN B 33 -9.61 14.37 -10.02
CA GLN B 33 -10.31 15.13 -8.97
C GLN B 33 -11.23 14.17 -8.21
N GLY B 34 -11.09 14.19 -6.88
CA GLY B 34 -11.89 13.30 -6.05
C GLY B 34 -11.41 11.86 -6.02
N GLY B 35 -10.31 11.55 -6.70
CA GLY B 35 -9.75 10.20 -6.71
C GLY B 35 -9.24 9.75 -5.35
N ALA B 36 -9.09 8.45 -5.17
CA ALA B 36 -8.89 7.85 -3.85
C ALA B 36 -7.43 7.88 -3.45
N ASN B 37 -7.21 7.90 -2.14
CA ASN B 37 -5.91 7.57 -1.63
C ASN B 37 -5.74 6.08 -1.79
N GLY B 38 -4.49 5.64 -1.92
CA GLY B 38 -4.09 4.23 -2.06
C GLY B 38 -2.79 4.04 -1.29
N VAL B 39 -1.77 3.41 -1.91
CA VAL B 39 -0.45 3.36 -1.28
C VAL B 39 0.01 4.79 -0.95
N GLY B 40 -0.09 5.67 -1.94
CA GLY B 40 0.16 7.12 -1.72
C GLY B 40 -1.10 7.99 -1.92
N PRO B 41 -1.00 9.30 -1.67
CA PRO B 41 -2.17 10.15 -1.71
C PRO B 41 -2.62 10.46 -3.14
N ASN B 42 -3.88 10.77 -3.30
CA ASN B 42 -4.36 11.37 -4.53
C ASN B 42 -3.57 12.65 -4.79
N LEU B 43 -3.19 12.90 -6.04
CA LEU B 43 -2.36 14.05 -6.36
C LEU B 43 -3.05 15.15 -7.16
N TYR B 44 -4.38 15.11 -7.30
CA TYR B 44 -5.03 16.24 -7.94
C TYR B 44 -4.76 17.54 -7.16
N GLY B 45 -4.36 18.59 -7.87
CA GLY B 45 -4.10 19.88 -7.21
C GLY B 45 -2.88 19.87 -6.29
N LEU B 46 -1.97 18.92 -6.51
CA LEU B 46 -0.72 18.84 -5.75
C LEU B 46 0.19 20.08 -5.87
N VAL B 47 0.34 20.57 -7.09
CA VAL B 47 1.29 21.66 -7.31
C VAL B 47 0.89 22.91 -6.52
N GLY B 48 1.85 23.45 -5.77
CA GLY B 48 1.63 24.60 -4.91
C GLY B 48 1.08 24.31 -3.52
N ARG B 49 0.79 23.05 -3.22
CA ARG B 49 0.23 22.66 -1.94
C ARG B 49 1.32 22.65 -0.88
N HIS B 50 0.95 23.05 0.34
CA HIS B 50 1.78 22.71 1.51
C HIS B 50 1.93 21.18 1.63
N SER B 51 3.16 20.72 1.89
CA SER B 51 3.42 19.26 1.98
C SER B 51 2.73 18.60 3.17
N GLY B 52 2.37 17.32 2.99
CA GLY B 52 1.83 16.55 4.11
C GLY B 52 0.43 16.89 4.54
N THR B 53 -0.42 17.34 3.62
CA THR B 53 -1.76 17.79 4.01
C THR B 53 -2.89 17.32 3.11
N ILE B 54 -2.66 16.36 2.21
CA ILE B 54 -3.76 15.87 1.35
C ILE B 54 -4.83 15.19 2.18
N GLU B 55 -6.08 15.52 1.85
CA GLU B 55 -7.24 15.11 2.60
C GLU B 55 -7.25 13.60 2.80
N GLY B 56 -7.41 13.19 4.05
CA GLY B 56 -7.50 11.77 4.42
C GLY B 56 -6.15 11.02 4.50
N TYR B 57 -5.06 11.57 3.98
CA TYR B 57 -3.83 10.74 3.90
C TYR B 57 -3.03 10.72 5.23
N ALA B 58 -2.59 9.52 5.61
CA ALA B 58 -1.80 9.30 6.81
C ALA B 58 -0.33 9.20 6.43
N TYR B 59 0.40 10.29 6.66
CA TYR B 59 1.76 10.39 6.20
C TYR B 59 2.77 9.81 7.20
N SER B 60 3.96 9.51 6.68
CA SER B 60 5.11 9.31 7.59
C SER B 60 5.34 10.55 8.46
N LYS B 61 6.08 10.38 9.56
CA LYS B 61 6.47 11.54 10.35
C LYS B 61 7.25 12.57 9.51
N ALA B 62 8.18 12.10 8.68
CA ALA B 62 9.01 12.96 7.87
C ALA B 62 8.12 13.81 6.95
N ASN B 63 7.20 13.18 6.21
CA ASN B 63 6.38 13.94 5.23
C ASN B 63 5.38 14.81 5.94
N ALA B 64 4.84 14.33 7.06
CA ALA B 64 3.90 15.14 7.87
C ALA B 64 4.55 16.45 8.34
N GLU B 65 5.82 16.36 8.75
CA GLU B 65 6.55 17.47 9.36
C GLU B 65 7.37 18.29 8.36
N SER B 66 7.38 17.90 7.08
CA SER B 66 8.36 18.36 6.07
C SER B 66 8.38 19.86 5.73
N GLY B 67 7.22 20.52 5.90
CA GLY B 67 7.14 21.99 5.78
C GLY B 67 7.65 22.62 4.51
N VAL B 68 7.47 21.95 3.38
CA VAL B 68 7.81 22.57 2.13
C VAL B 68 6.49 22.84 1.39
N VAL B 69 6.58 23.64 0.35
CA VAL B 69 5.46 23.88 -0.55
C VAL B 69 5.87 23.28 -1.89
N TRP B 70 4.99 22.48 -2.49
CA TRP B 70 5.33 21.77 -3.71
C TRP B 70 5.31 22.62 -4.99
N THR B 71 6.19 23.62 -5.04
CA THR B 71 6.36 24.38 -6.27
C THR B 71 7.28 23.58 -7.22
N PRO B 72 7.30 23.90 -8.52
CA PRO B 72 8.11 23.09 -9.44
C PRO B 72 9.59 22.94 -9.09
N ASP B 73 10.21 23.99 -8.53
CA ASP B 73 11.63 23.91 -8.13
C ASP B 73 11.85 22.86 -7.02
N VAL B 74 10.89 22.78 -6.12
CA VAL B 74 10.97 21.82 -5.02
C VAL B 74 10.64 20.41 -5.53
N LEU B 75 9.61 20.29 -6.38
CA LEU B 75 9.32 19.00 -7.00
C LEU B 75 10.52 18.46 -7.78
N ASP B 76 11.30 19.35 -8.41
CA ASP B 76 12.44 18.94 -9.21
C ASP B 76 13.44 18.16 -8.34
N VAL B 77 13.90 18.79 -7.27
CA VAL B 77 14.91 18.18 -6.39
C VAL B 77 14.35 16.92 -5.69
N TYR B 78 13.09 16.99 -5.23
CA TYR B 78 12.46 15.84 -4.60
C TYR B 78 12.37 14.65 -5.52
N LEU B 79 11.81 14.87 -6.72
CA LEU B 79 11.65 13.75 -7.68
C LEU B 79 12.96 13.17 -8.16
N GLU B 80 14.04 13.95 -8.15
CA GLU B 80 15.35 13.39 -8.49
C GLU B 80 15.75 12.26 -7.53
N ASN B 81 15.47 12.44 -6.23
CA ASN B 81 15.84 11.46 -5.28
C ASN B 81 15.07 11.71 -3.97
N PRO B 82 13.91 11.08 -3.81
CA PRO B 82 13.03 11.35 -2.69
C PRO B 82 13.68 11.10 -1.33
N M3L B 83 14.44 10.02 -1.23
CA M3L B 83 15.13 9.68 0.03
CB M3L B 83 15.85 8.34 -0.14
CG M3L B 83 16.51 7.80 1.12
CD M3L B 83 17.23 6.51 0.75
CE M3L B 83 16.40 5.27 0.99
NZ M3L B 83 17.32 4.12 1.21
C M3L B 83 16.10 10.78 0.44
O M3L B 83 16.24 11.03 1.66
CM1 M3L B 83 17.35 3.30 0.01
CM2 M3L B 83 18.68 4.55 1.56
CM3 M3L B 83 16.89 3.32 2.36
N LYS B 84 16.82 11.34 -0.52
CA LYS B 84 17.83 12.35 -0.20
C LYS B 84 17.14 13.64 0.25
N PHE B 85 16.04 13.99 -0.43
CA PHE B 85 15.36 15.21 -0.11
C PHE B 85 14.57 15.12 1.19
N MET B 86 13.94 13.97 1.42
CA MET B 86 13.05 13.74 2.56
C MET B 86 13.39 12.42 3.25
N PRO B 87 14.55 12.36 3.94
CA PRO B 87 14.91 11.11 4.57
C PRO B 87 13.84 10.70 5.60
N GLY B 88 13.51 9.42 5.62
CA GLY B 88 12.39 8.97 6.45
C GLY B 88 11.05 8.89 5.72
N THR B 89 10.97 9.36 4.47
CA THR B 89 9.74 9.15 3.70
C THR B 89 9.43 7.65 3.50
N LYS B 90 8.15 7.29 3.34
CA LYS B 90 7.73 5.91 3.05
C LYS B 90 7.37 5.80 1.54
N MET B 91 7.70 6.81 0.76
CA MET B 91 7.50 6.73 -0.70
C MET B 91 8.59 5.91 -1.33
N SER B 92 8.19 4.77 -1.91
CA SER B 92 9.14 3.80 -2.42
C SER B 92 9.48 4.04 -3.88
N PHE B 93 10.11 5.20 -4.10
CA PHE B 93 10.48 5.66 -5.45
C PHE B 93 11.92 6.15 -5.42
N ALA B 94 12.77 5.50 -6.23
CA ALA B 94 14.20 5.83 -6.27
C ALA B 94 14.49 7.24 -6.77
N GLY B 95 13.78 7.66 -7.81
CA GLY B 95 14.02 8.97 -8.35
C GLY B 95 14.14 8.91 -9.86
N MET B 96 14.12 10.10 -10.43
CA MET B 96 14.23 10.26 -11.89
C MET B 96 15.46 11.10 -12.19
N LYS B 97 16.46 10.48 -12.82
CA LYS B 97 17.74 11.12 -13.10
C LYS B 97 17.68 12.17 -14.20
N LYS B 98 16.74 12.01 -15.12
CA LYS B 98 16.73 12.81 -16.33
C LYS B 98 15.93 14.09 -16.15
N PRO B 99 16.59 15.25 -16.33
CA PRO B 99 15.89 16.51 -16.12
C PRO B 99 14.65 16.66 -17.00
N GLN B 100 14.70 16.26 -18.28
CA GLN B 100 13.50 16.40 -19.10
C GLN B 100 12.33 15.57 -18.60
N GLU B 101 12.62 14.39 -18.11
CA GLU B 101 11.57 13.53 -17.55
C GLU B 101 10.92 14.12 -16.31
N ARG B 102 11.72 14.69 -15.42
CA ARG B 102 11.16 15.37 -14.24
C ARG B 102 10.34 16.58 -14.66
N ALA B 103 10.85 17.35 -15.63
CA ALA B 103 10.10 18.51 -16.15
C ALA B 103 8.76 18.08 -16.75
N ASP B 104 8.76 16.98 -17.49
CA ASP B 104 7.53 16.47 -18.09
C ASP B 104 6.50 16.06 -17.04
N VAL B 105 6.94 15.27 -16.06
CA VAL B 105 6.05 14.88 -14.93
C VAL B 105 5.51 16.10 -14.21
N ILE B 106 6.38 17.08 -13.90
CA ILE B 106 5.93 18.29 -13.23
C ILE B 106 4.90 19.04 -14.08
N ALA B 107 5.15 19.15 -15.38
CA ALA B 107 4.19 19.79 -16.28
C ALA B 107 2.84 19.03 -16.28
N TYR B 108 2.89 17.69 -16.19
CA TYR B 108 1.64 16.93 -16.07
C TYR B 108 0.93 17.23 -14.75
N LEU B 109 1.67 17.25 -13.64
CA LEU B 109 1.04 17.53 -12.36
C LEU B 109 0.38 18.91 -12.35
N GLU B 110 0.97 19.84 -13.11
CA GLU B 110 0.49 21.21 -13.17
C GLU B 110 -0.88 21.29 -13.81
N THR B 111 -1.21 20.33 -14.68
CA THR B 111 -2.53 20.31 -15.32
C THR B 111 -3.66 19.78 -14.43
N LEU B 112 -3.31 19.26 -13.25
CA LEU B 112 -4.33 18.65 -12.37
C LEU B 112 -5.01 19.72 -11.53
N LYS B 113 -5.78 20.55 -12.23
CA LYS B 113 -6.48 21.68 -11.62
C LYS B 113 -7.72 22.02 -12.43
N GLY B 114 -8.67 22.69 -11.79
CA GLY B 114 -9.99 22.94 -12.37
C GLY B 114 -11.14 22.34 -11.57
N ALA C 5 13.79 -32.85 12.38
CA ALA C 5 14.46 -31.85 11.48
C ALA C 5 13.45 -31.11 10.60
N ARG C 6 13.79 -29.87 10.25
CA ARG C 6 13.00 -29.11 9.29
C ARG C 6 12.82 -29.93 8.02
N ALA C 7 11.60 -29.98 7.51
CA ALA C 7 11.31 -30.65 6.26
C ALA C 7 12.24 -30.15 5.15
N PRO C 8 12.89 -31.09 4.41
CA PRO C 8 13.58 -30.71 3.18
C PRO C 8 12.65 -29.95 2.22
N LEU C 9 13.16 -28.90 1.59
CA LEU C 9 12.43 -28.15 0.58
C LEU C 9 12.27 -29.05 -0.64
N PRO C 10 11.02 -29.45 -0.97
CA PRO C 10 10.69 -30.35 -2.08
C PRO C 10 10.94 -29.64 -3.41
N PRO C 11 11.18 -30.42 -4.47
CA PRO C 11 11.30 -29.83 -5.79
C PRO C 11 10.03 -29.06 -6.12
N GLY C 12 10.20 -27.82 -6.54
CA GLY C 12 9.08 -26.97 -6.89
C GLY C 12 8.68 -26.96 -8.36
N ASP C 13 7.40 -26.75 -8.62
CA ASP C 13 6.92 -26.59 -10.00
C ASP C 13 6.69 -25.10 -10.21
N ALA C 14 7.43 -24.50 -11.15
CA ALA C 14 7.37 -23.06 -11.35
C ALA C 14 6.03 -22.57 -11.92
N ALA C 15 5.40 -23.36 -12.79
CA ALA C 15 4.09 -22.98 -13.29
C ALA C 15 3.03 -22.96 -12.19
N ARG C 16 3.07 -23.96 -11.30
CA ARG C 16 2.17 -23.91 -10.14
C ARG C 16 2.55 -22.72 -9.25
N GLY C 17 3.85 -22.46 -9.18
CA GLY C 17 4.40 -21.35 -8.41
C GLY C 17 3.83 -20.02 -8.86
N GLU C 18 3.75 -19.82 -10.17
CA GLU C 18 3.26 -18.57 -10.75
C GLU C 18 1.78 -18.38 -10.42
N LYS C 19 1.04 -19.47 -10.60
CA LYS C 19 -0.35 -19.48 -10.21
C LYS C 19 -0.51 -19.05 -8.72
N LEU C 20 0.30 -19.63 -7.83
CA LEU C 20 0.23 -19.30 -6.38
C LEU C 20 0.64 -17.86 -6.11
N PHE C 21 1.71 -17.43 -6.79
CA PHE C 21 2.16 -16.02 -6.79
C PHE C 21 1.06 -15.04 -7.20
N LYS C 22 0.37 -15.31 -8.29
CA LYS C 22 -0.67 -14.39 -8.72
C LYS C 22 -1.88 -14.34 -7.80
N GLY C 23 -2.16 -15.45 -7.13
CA GLY C 23 -3.25 -15.51 -6.18
C GLY C 23 -2.91 -14.95 -4.80
N ARG C 24 -1.64 -15.05 -4.40
CA ARG C 24 -1.26 -14.66 -3.03
C ARG C 24 -0.30 -13.47 -2.85
N ALA C 25 0.33 -13.00 -3.93
CA ALA C 25 1.42 -12.01 -3.80
C ALA C 25 1.26 -10.84 -4.76
N ALA C 26 0.63 -11.08 -5.90
CA ALA C 26 0.70 -10.11 -6.99
C ALA C 26 0.03 -8.78 -6.70
N GLN C 27 -0.89 -8.77 -5.75
CA GLN C 27 -1.52 -7.51 -5.37
C GLN C 27 -0.55 -6.55 -4.63
N CYS C 28 0.54 -7.10 -4.09
CA CYS C 28 1.55 -6.27 -3.48
C CYS C 28 2.90 -6.23 -4.21
N HIS C 29 3.14 -7.21 -5.10
CA HIS C 29 4.45 -7.40 -5.66
C HIS C 29 4.35 -7.62 -7.16
N THR C 30 5.08 -6.78 -7.89
CA THR C 30 5.32 -7.04 -9.32
C THR C 30 6.48 -8.05 -9.45
N ALA C 31 6.58 -8.70 -10.61
CA ALA C 31 7.56 -9.76 -10.82
C ALA C 31 8.34 -9.60 -12.12
N ASN C 32 7.98 -8.61 -12.93
CA ASN C 32 8.64 -8.38 -14.21
C ASN C 32 9.89 -7.55 -14.11
N GLN C 33 10.82 -7.74 -15.04
CA GLN C 33 12.04 -6.94 -15.02
C GLN C 33 11.69 -5.46 -15.19
N GLY C 34 12.23 -4.64 -14.29
CA GLY C 34 11.88 -3.23 -14.25
C GLY C 34 10.45 -2.87 -13.83
N GLY C 35 9.73 -3.80 -13.21
CA GLY C 35 8.38 -3.55 -12.74
C GLY C 35 8.41 -2.64 -11.53
N ALA C 36 7.30 -2.01 -11.22
CA ALA C 36 7.32 -0.96 -10.19
C ALA C 36 7.18 -1.50 -8.77
N ASN C 37 7.68 -0.71 -7.84
CA ASN C 37 7.30 -0.90 -6.45
C ASN C 37 5.86 -0.51 -6.26
N GLY C 38 5.21 -1.13 -5.28
CA GLY C 38 3.85 -0.84 -4.93
C GLY C 38 3.72 -0.97 -3.43
N VAL C 39 2.75 -1.77 -2.96
CA VAL C 39 2.68 -2.05 -1.51
C VAL C 39 4.05 -2.62 -1.06
N GLY C 40 4.55 -3.62 -1.80
CA GLY C 40 5.87 -4.23 -1.54
C GLY C 40 6.75 -4.00 -2.76
N PRO C 41 8.00 -4.44 -2.70
CA PRO C 41 8.96 -4.16 -3.76
C PRO C 41 8.76 -5.07 -4.99
N ASN C 42 9.23 -4.59 -6.14
CA ASN C 42 9.38 -5.49 -7.27
C ASN C 42 10.32 -6.63 -6.94
N LEU C 43 9.96 -7.85 -7.34
CA LEU C 43 10.71 -9.06 -6.96
C LEU C 43 11.53 -9.71 -8.10
N TYR C 44 11.68 -9.05 -9.24
CA TYR C 44 12.56 -9.60 -10.26
C TYR C 44 13.98 -9.73 -9.74
N GLY C 45 14.58 -10.91 -9.93
CA GLY C 45 15.95 -11.15 -9.47
C GLY C 45 16.09 -11.18 -7.97
N LEU C 46 14.99 -11.46 -7.27
CA LEU C 46 15.01 -11.59 -5.81
C LEU C 46 15.91 -12.71 -5.27
N VAL C 47 15.90 -13.87 -5.91
CA VAL C 47 16.66 -14.99 -5.40
C VAL C 47 18.18 -14.70 -5.41
N GLY C 48 18.80 -14.90 -4.26
CA GLY C 48 20.22 -14.64 -4.08
C GLY C 48 20.55 -13.23 -3.60
N ARG C 49 19.55 -12.36 -3.48
CA ARG C 49 19.78 -10.96 -3.10
C ARG C 49 20.05 -10.80 -1.60
N HIS C 50 20.88 -9.81 -1.24
CA HIS C 50 20.91 -9.33 0.15
C HIS C 50 19.56 -8.70 0.49
N SER C 51 19.01 -9.03 1.66
CA SER C 51 17.69 -8.53 2.03
C SER C 51 17.68 -7.02 2.24
N GLY C 52 16.52 -6.43 1.95
CA GLY C 52 16.28 -5.03 2.24
C GLY C 52 17.03 -4.03 1.40
N THR C 53 17.28 -4.36 0.12
CA THR C 53 18.05 -3.50 -0.79
C THR C 53 17.44 -3.27 -2.19
N ILE C 54 16.22 -3.72 -2.43
CA ILE C 54 15.64 -3.57 -3.78
C ILE C 54 15.53 -2.08 -4.09
N GLU C 55 15.97 -1.71 -5.32
CA GLU C 55 16.03 -0.31 -5.76
C GLU C 55 14.73 0.44 -5.50
N GLY C 56 14.87 1.57 -4.80
CA GLY C 56 13.72 2.46 -4.56
C GLY C 56 12.85 2.10 -3.36
N TYR C 57 12.96 0.88 -2.84
CA TYR C 57 11.97 0.47 -1.83
C TYR C 57 12.29 0.94 -0.41
N ALA C 58 11.27 1.51 0.25
CA ALA C 58 11.40 2.03 1.61
C ALA C 58 10.90 0.97 2.56
N TYR C 59 11.85 0.27 3.19
CA TYR C 59 11.55 -0.89 4.04
C TYR C 59 11.27 -0.48 5.48
N SER C 60 10.63 -1.39 6.20
CA SER C 60 10.56 -1.32 7.68
C SER C 60 11.98 -1.35 8.23
N LYS C 61 12.14 -0.95 9.49
CA LYS C 61 13.48 -1.09 10.07
C LYS C 61 13.92 -2.55 10.15
N ALA C 62 12.99 -3.45 10.49
CA ALA C 62 13.28 -4.87 10.55
C ALA C 62 13.78 -5.41 9.20
N ASN C 63 13.09 -5.11 8.11
CA ASN C 63 13.56 -5.63 6.80
C ASN C 63 14.84 -4.90 6.34
N ALA C 64 14.93 -3.59 6.58
CA ALA C 64 16.17 -2.87 6.26
C ALA C 64 17.39 -3.45 6.96
N GLU C 65 17.24 -3.88 8.22
CA GLU C 65 18.35 -4.36 9.06
C GLU C 65 18.51 -5.89 9.08
N SER C 66 17.62 -6.61 8.39
CA SER C 66 17.53 -8.08 8.41
C SER C 66 18.80 -8.88 8.11
N GLY C 67 19.64 -8.33 7.22
CA GLY C 67 20.97 -8.91 6.95
C GLY C 67 21.03 -10.36 6.52
N VAL C 68 20.02 -10.81 5.77
CA VAL C 68 20.07 -12.17 5.24
C VAL C 68 20.26 -12.13 3.73
N VAL C 69 20.54 -13.31 3.17
CA VAL C 69 20.56 -13.48 1.73
C VAL C 69 19.43 -14.45 1.42
N TRP C 70 18.61 -14.06 0.43
CA TRP C 70 17.44 -14.79 0.03
C TRP C 70 17.81 -15.95 -0.90
N THR C 71 18.51 -16.91 -0.32
CA THR C 71 18.73 -18.20 -0.99
C THR C 71 17.41 -18.97 -0.84
N PRO C 72 17.23 -20.07 -1.60
CA PRO C 72 15.98 -20.81 -1.49
C PRO C 72 15.67 -21.36 -0.09
N ASP C 73 16.70 -21.83 0.62
CA ASP C 73 16.50 -22.36 1.98
C ASP C 73 16.03 -21.27 2.95
N VAL C 74 16.54 -20.05 2.80
CA VAL C 74 16.11 -18.93 3.67
C VAL C 74 14.67 -18.53 3.30
N LEU C 75 14.34 -18.56 2.01
CA LEU C 75 12.99 -18.24 1.59
C LEU C 75 11.93 -19.21 2.12
N ASP C 76 12.30 -20.49 2.14
CA ASP C 76 11.47 -21.56 2.69
C ASP C 76 11.01 -21.17 4.10
N VAL C 77 11.96 -20.85 4.96
CA VAL C 77 11.63 -20.58 6.36
C VAL C 77 10.82 -19.26 6.47
N TYR C 78 11.30 -18.23 5.81
CA TYR C 78 10.60 -16.93 5.80
C TYR C 78 9.16 -17.04 5.31
N LEU C 79 8.99 -17.64 4.14
CA LEU C 79 7.68 -17.69 3.51
C LEU C 79 6.67 -18.54 4.27
N GLU C 80 7.17 -19.44 5.13
CA GLU C 80 6.29 -20.25 5.96
C GLU C 80 5.57 -19.37 6.99
N ASN C 81 6.29 -18.36 7.52
CA ASN C 81 5.72 -17.45 8.49
C ASN C 81 6.61 -16.22 8.56
N PRO C 82 6.28 -15.17 7.78
CA PRO C 82 7.11 -13.96 7.73
C PRO C 82 7.26 -13.30 9.08
N M3L C 83 6.17 -13.24 9.86
CA M3L C 83 6.17 -12.55 11.19
CB M3L C 83 4.77 -12.49 11.83
CG M3L C 83 4.69 -11.79 13.21
CD M3L C 83 3.21 -11.77 13.58
CE M3L C 83 2.85 -11.17 14.93
NZ M3L C 83 1.39 -11.22 15.19
C M3L C 83 7.13 -13.25 12.12
O M3L C 83 7.79 -12.57 12.93
CM1 M3L C 83 0.62 -11.03 13.94
CM2 M3L C 83 0.98 -12.51 15.73
CM3 M3L C 83 1.03 -10.16 16.15
N LYS C 84 7.19 -14.59 12.08
CA LYS C 84 8.12 -15.35 12.95
C LYS C 84 9.60 -15.14 12.57
N PHE C 85 9.84 -15.14 11.27
CA PHE C 85 11.18 -14.99 10.72
C PHE C 85 11.72 -13.56 10.84
N MET C 86 10.84 -12.60 10.61
CA MET C 86 11.18 -11.17 10.58
C MET C 86 10.20 -10.35 11.40
N PRO C 87 10.21 -10.56 12.75
CA PRO C 87 9.27 -9.79 13.57
C PRO C 87 9.50 -8.27 13.36
N GLY C 88 8.41 -7.53 13.25
CA GLY C 88 8.53 -6.14 12.87
C GLY C 88 8.38 -5.84 11.37
N THR C 89 8.30 -6.86 10.51
CA THR C 89 8.03 -6.61 9.07
C THR C 89 6.64 -5.97 8.89
N LYS C 90 6.48 -5.21 7.81
CA LYS C 90 5.17 -4.61 7.42
C LYS C 90 4.58 -5.43 6.27
N MET C 91 5.17 -6.57 6.00
CA MET C 91 4.58 -7.49 4.97
C MET C 91 3.36 -8.22 5.55
N SER C 92 2.19 -7.90 4.98
CA SER C 92 0.94 -8.45 5.52
C SER C 92 0.62 -9.78 4.90
N PHE C 93 1.47 -10.77 5.21
CA PHE C 93 1.31 -12.10 4.66
C PHE C 93 1.52 -13.14 5.75
N ALA C 94 0.51 -13.96 5.99
CA ALA C 94 0.56 -14.88 7.13
C ALA C 94 1.57 -16.02 6.87
N GLY C 95 1.64 -16.48 5.62
CA GLY C 95 2.62 -17.48 5.23
C GLY C 95 2.04 -18.58 4.37
N MET C 96 2.91 -19.22 3.59
CA MET C 96 2.59 -20.42 2.83
C MET C 96 2.72 -21.61 3.76
N LYS C 97 1.58 -22.14 4.18
CA LYS C 97 1.59 -23.12 5.24
C LYS C 97 1.78 -24.55 4.74
N LYS C 98 1.44 -24.79 3.47
CA LYS C 98 1.63 -26.08 2.80
C LYS C 98 3.00 -26.11 2.09
N PRO C 99 3.90 -27.03 2.45
CA PRO C 99 5.30 -27.08 1.97
C PRO C 99 5.46 -27.24 0.45
N GLN C 100 4.55 -27.98 -0.18
CA GLN C 100 4.66 -28.11 -1.63
C GLN C 100 4.35 -26.77 -2.31
N GLU C 101 3.31 -26.07 -1.84
CA GLU C 101 2.97 -24.74 -2.36
C GLU C 101 4.10 -23.72 -2.14
N ARG C 102 4.68 -23.76 -0.94
CA ARG C 102 5.80 -22.92 -0.63
C ARG C 102 7.00 -23.20 -1.56
N ALA C 103 7.27 -24.47 -1.86
CA ALA C 103 8.35 -24.84 -2.79
C ALA C 103 8.06 -24.38 -4.23
N ASP C 104 6.80 -24.48 -4.62
CA ASP C 104 6.41 -24.09 -5.97
C ASP C 104 6.66 -22.57 -6.17
N VAL C 105 6.27 -21.77 -5.17
CA VAL C 105 6.47 -20.32 -5.27
C VAL C 105 7.96 -19.98 -5.38
N ILE C 106 8.79 -20.66 -4.58
CA ILE C 106 10.21 -20.43 -4.65
C ILE C 106 10.76 -20.76 -6.04
N ALA C 107 10.31 -21.87 -6.60
CA ALA C 107 10.70 -22.25 -7.96
C ALA C 107 10.29 -21.19 -8.97
N TYR C 108 9.13 -20.60 -8.76
CA TYR C 108 8.71 -19.48 -9.63
C TYR C 108 9.64 -18.29 -9.47
N LEU C 109 9.93 -17.92 -8.22
CA LEU C 109 10.84 -16.82 -7.96
C LEU C 109 12.20 -17.05 -8.65
N GLU C 110 12.62 -18.31 -8.73
CA GLU C 110 13.95 -18.64 -9.21
C GLU C 110 14.06 -18.35 -10.70
N THR C 111 12.91 -18.36 -11.37
CA THR C 111 12.82 -18.11 -12.81
C THR C 111 12.88 -16.62 -13.20
N LEU C 112 12.74 -15.75 -12.19
CA LEU C 112 12.75 -14.32 -12.44
C LEU C 112 14.19 -13.80 -12.60
N LYS C 113 14.88 -14.28 -13.64
CA LYS C 113 16.29 -13.94 -13.82
C LYS C 113 16.64 -13.80 -15.28
N GLY C 114 17.64 -12.95 -15.54
CA GLY C 114 18.04 -12.58 -16.89
C GLY C 114 18.59 -11.17 -16.91
FE HEC D . -9.64 0.75 5.91
CHA HEC D . -8.19 -0.62 8.64
CHB HEC D . -12.74 -0.38 6.95
CHC HEC D . -11.09 2.87 3.71
CHD HEC D . -6.62 1.18 4.38
NA HEC D . -10.33 -0.29 7.54
C1A HEC D . -9.63 -0.80 8.56
C2A HEC D . -10.39 -1.39 9.56
C3A HEC D . -11.68 -1.32 9.06
C4A HEC D . -11.61 -0.66 7.84
CMA HEC D . -12.94 -1.81 9.73
CAA HEC D . -9.95 -2.03 10.86
CBA HEC D . -9.58 -3.47 10.64
CGA HEC D . -9.26 -4.26 11.90
O1A HEC D . -9.23 -3.65 13.03
O2A HEC D . -9.02 -5.47 11.81
NB HEC D . -11.59 1.15 5.39
C1B HEC D . -12.74 0.61 5.90
C2B HEC D . -13.88 1.09 5.28
C3B HEC D . -13.45 2.08 4.31
C4B HEC D . -11.97 2.05 4.52
CMB HEC D . -15.28 0.62 5.61
CAB HEC D . -14.19 3.03 3.40
CBB HEC D . -15.68 2.96 3.27
NC HEC D . -8.95 1.82 4.28
C1C HEC D . -9.64 2.64 3.51
C2C HEC D . -8.89 3.21 2.48
C3C HEC D . -7.59 2.73 2.63
C4C HEC D . -7.72 1.93 3.77
CMC HEC D . -9.42 4.16 1.43
CAC HEC D . -6.35 2.94 1.79
CBC HEC D . -6.06 4.37 1.39
ND HEC D . -7.73 0.34 6.44
C1D HEC D . -6.63 0.62 5.71
C2D HEC D . -5.41 0.25 6.39
C3D HEC D . -5.84 -0.32 7.64
C4D HEC D . -7.30 -0.19 7.58
CMD HEC D . -4.00 0.42 5.98
CAD HEC D . -4.96 -0.78 8.75
CBD HEC D . -4.84 0.46 9.65
CGD HEC D . -3.80 0.32 10.76
O1D HEC D . -3.23 -0.75 10.97
O2D HEC D . -3.66 1.37 11.45
S SO4 E . -17.82 12.73 2.24
O1 SO4 E . -17.93 11.50 3.01
O2 SO4 E . -18.10 12.44 0.83
O3 SO4 E . -18.80 13.71 2.71
O4 SO4 E . -16.46 13.26 2.35
S SO4 F . -10.49 -15.94 12.61
O1 SO4 F . -11.87 -15.83 12.18
O2 SO4 F . -10.06 -17.33 12.52
O3 SO4 F . -10.37 -15.49 13.99
O4 SO4 F . -9.64 -15.13 11.75
S SO4 G . 3.36 1.73 6.14
O1 SO4 G . 3.00 0.30 6.20
O2 SO4 G . 4.37 1.97 5.11
O3 SO4 G . 3.93 2.07 7.44
O4 SO4 G . 2.18 2.59 5.93
FE HEC H . 4.70 9.41 -4.39
CHA HEC H . 4.19 11.11 -1.44
CHB HEC H . 4.67 12.32 -6.13
CHC HEC H . 5.99 7.79 -7.10
CHD HEC H . 4.04 6.41 -2.89
NA HEC H . 4.48 11.35 -3.86
C1A HEC H . 4.31 11.89 -2.65
C2A HEC H . 4.29 13.29 -2.66
C3A HEC H . 4.41 13.62 -3.99
C4A HEC H . 4.54 12.43 -4.66
CMA HEC H . 4.48 15.02 -4.55
CAA HEC H . 4.14 14.23 -1.50
CBA HEC H . 2.68 14.41 -1.14
CGA HEC H . 2.42 15.42 -0.06
O1A HEC H . 1.23 15.72 0.17
O2A HEC H . 3.38 15.96 0.53
NB HEC H . 5.23 9.94 -6.29
C1B HEC H . 5.14 11.16 -6.85
C2B HEC H . 5.54 11.24 -8.19
C3B HEC H . 5.97 9.89 -8.50
C4B HEC H . 5.76 9.19 -7.21
CMB HEC H . 5.50 12.46 -9.08
CAB HEC H . 6.54 9.24 -9.71
CBB HEC H . 6.75 10.08 -10.95
NC HEC H . 4.95 7.45 -4.92
C1C HEC H . 5.47 6.94 -6.01
C2C HEC H . 5.47 5.56 -6.07
C3C HEC H . 4.89 5.13 -4.88
C4C HEC H . 4.62 6.35 -4.23
CMC HEC H . 5.99 4.74 -7.21
CAC HEC H . 4.54 3.72 -4.37
CBC HEC H . 5.60 2.69 -4.62
ND HEC H . 4.19 8.86 -2.49
C1D HEC H . 4.01 7.61 -2.07
C2D HEC H . 3.72 7.57 -0.64
C3D HEC H . 3.76 8.94 -0.21
C4D HEC H . 4.07 9.68 -1.44
CMD HEC H . 3.47 6.34 0.15
CAD HEC H . 3.59 9.45 1.19
CBD HEC H . 5.03 9.45 1.72
CGD HEC H . 5.22 9.72 3.23
O1D HEC H . 6.42 9.70 3.62
O2D HEC H . 4.20 9.94 3.95
S SO4 I . 15.68 6.87 -14.18
O1 SO4 I . 15.48 5.58 -13.52
O2 SO4 I . 16.13 6.68 -15.56
O3 SO4 I . 16.74 7.57 -13.42
O4 SO4 I . 14.47 7.66 -14.12
S SO4 J . -7.41 21.04 0.82
O1 SO4 J . -7.21 19.60 1.02
O2 SO4 J . -7.35 21.34 -0.62
O3 SO4 J . -6.37 21.78 1.51
O4 SO4 J . -8.71 21.42 1.34
FE HEC K . 6.06 -9.64 0.30
CHA HEC K . 8.83 -7.96 1.50
CHB HEC K . 8.07 -12.07 -1.06
CHC HEC K . 3.37 -11.65 -0.04
CHD HEC K . 4.04 -6.96 0.91
NA HEC K . 8.09 -9.96 0.25
C1A HEC K . 9.08 -9.21 0.80
C2A HEC K . 10.33 -9.77 0.62
C3A HEC K . 10.12 -10.94 -0.09
C4A HEC K . 8.76 -10.99 -0.31
CMA HEC K . 11.17 -11.93 -0.54
CAA HEC K . 11.68 -9.22 1.11
CBA HEC K . 12.27 -8.25 0.08
CGA HEC K . 13.68 -7.79 0.38
O1A HEC K . 14.24 -7.02 -0.43
O2A HEC K . 14.22 -8.21 1.46
NB HEC K . 5.75 -11.54 -0.47
C1B HEC K . 6.64 -12.39 -0.98
C2B HEC K . 6.10 -13.59 -1.44
C3B HEC K . 4.69 -13.52 -1.14
C4B HEC K . 4.60 -12.19 -0.50
CMB HEC K . 6.87 -14.73 -2.09
CAB HEC K . 3.57 -14.48 -1.30
CBB HEC K . 3.92 -15.78 -1.96
NC HEC K . 4.05 -9.33 0.38
C1C HEC K . 3.09 -10.24 0.24
C2C HEC K . 1.82 -9.73 0.32
C3C HEC K . 1.97 -8.41 0.58
C4C HEC K . 3.37 -8.26 0.62
CMC HEC K . 0.54 -10.51 0.16
CAC HEC K . 0.97 -7.26 0.69
CBC HEC K . -0.31 -7.55 1.41
ND HEC K . 6.38 -7.79 1.06
C1D HEC K . 5.45 -6.85 1.26
C2D HEC K . 5.99 -5.67 1.90
C3D HEC K . 7.39 -5.90 2.04
C4D HEC K . 7.53 -7.28 1.53
CMD HEC K . 5.24 -4.43 2.27
CAD HEC K . 8.40 -4.99 2.69
CBD HEC K . 8.39 -5.53 4.14
CGD HEC K . 9.18 -4.66 5.11
O1D HEC K . 9.05 -5.07 6.34
O2D HEC K . 9.84 -3.71 4.65
S SO4 L . -2.43 -21.58 3.46
O1 SO4 L . -2.57 -22.99 3.84
O2 SO4 L . -3.36 -21.32 2.35
O3 SO4 L . -1.05 -21.38 3.03
O4 SO4 L . -2.80 -20.74 4.59
S SO4 M . 20.94 -3.63 -7.16
O1 SO4 M . 19.89 -3.00 -7.96
O2 SO4 M . 21.14 -5.01 -7.63
O3 SO4 M . 22.19 -2.89 -7.29
O4 SO4 M . 20.55 -3.63 -5.76
#